data_7BEW
#
_entry.id   7BEW
#
_cell.length_a   90.810
_cell.length_b   90.810
_cell.length_c   224.800
_cell.angle_alpha   90.000
_cell.angle_beta   90.000
_cell.angle_gamma   90.000
#
_symmetry.space_group_name_H-M   'I 41 2 2'
#
loop_
_entity.id
_entity.type
_entity.pdbx_description
1 polymer 'Glyceraldehyde-3-phosphate dehydrogenase'
2 non-polymer 'NADP NICOTINAMIDE-ADENINE-DINUCLEOTIDE PHOSPHATE'
3 non-polymer DI(HYDROXYETHYL)ETHER
4 non-polymer 'SODIUM ION'
5 water water
#
_entity_poly.entity_id   1
_entity_poly.type   'polypeptide(L)'
_entity_poly.pdbx_seq_one_letter_code
;AMAVKVAINGFGRIGRCVARIILERNDIELVAINDTTDIELTKYLFKYDTVHGEFKGSVDSEGDDLVVNGKKIKVFKSRN
VKDLDFAKHGAQIVLECTGAHLTMAKCQEFIDMGVQKVIMSAPAKDDTPTYVLGVNSELYKGESIISNASCTTNCLGPVC
RVLQDNFGIEKGLMTTIHAYTNGQSIIDAKAKDKRRSRAAAQNIIPTSTGAAKAMKLVMPELNGKLHGQSMRVPVIDVSS
VDLTAQLSRKVSKDEINEAFRKAAATNLKGILMVDDDERVSSDFITCSYGAIVASDLTQVIADDFIKVIAWYDNEWGYSS
RLVDMAVYIANKA
;
_entity_poly.pdbx_strand_id   A
#
loop_
_chem_comp.id
_chem_comp.type
_chem_comp.name
_chem_comp.formula
NA non-polymer 'SODIUM ION' 'Na 1'
NAP non-polymer 'NADP NICOTINAMIDE-ADENINE-DINUCLEOTIDE PHOSPHATE' 'C21 H28 N7 O17 P3'
PEG non-polymer DI(HYDROXYETHYL)ETHER 'C4 H10 O3'
#
# COMPACT_ATOMS: atom_id res chain seq x y z
N ALA A 1 -14.91 21.10 3.82
CA ALA A 1 -13.53 21.12 3.27
C ALA A 1 -13.58 21.14 1.72
N MET A 2 -12.80 22.02 1.09
CA MET A 2 -12.37 21.87 -0.33
C MET A 2 -11.69 20.50 -0.46
N ALA A 3 -11.90 19.81 -1.58
CA ALA A 3 -11.23 18.54 -1.95
C ALA A 3 -9.73 18.81 -1.97
N VAL A 4 -8.94 18.04 -1.21
CA VAL A 4 -7.46 18.24 -1.20
C VAL A 4 -6.93 17.97 -2.62
N LYS A 5 -5.98 18.80 -3.06
CA LYS A 5 -5.39 18.67 -4.41
C LYS A 5 -4.08 17.92 -4.27
N VAL A 6 -3.85 16.92 -5.12
CA VAL A 6 -2.64 16.07 -5.03
C VAL A 6 -2.02 15.87 -6.40
N ALA A 7 -0.73 15.58 -6.39
CA ALA A 7 0.06 15.18 -7.55
C ALA A 7 0.62 13.80 -7.26
N ILE A 8 0.81 13.04 -8.33
CA ILE A 8 1.39 11.69 -8.27
C ILE A 8 2.74 11.72 -8.98
N ASN A 9 3.82 11.46 -8.25
CA ASN A 9 5.16 11.30 -8.83
C ASN A 9 5.34 9.79 -9.04
N GLY A 10 5.43 9.36 -10.30
CA GLY A 10 5.60 7.95 -10.64
C GLY A 10 4.27 7.31 -10.96
N PHE A 11 4.04 7.04 -12.23
CA PHE A 11 2.77 6.56 -12.80
C PHE A 11 2.86 5.05 -13.15
N GLY A 12 3.31 4.25 -12.18
CA GLY A 12 3.37 2.78 -12.34
C GLY A 12 2.13 2.13 -11.78
N ARG A 13 2.26 0.90 -11.31
CA ARG A 13 1.13 0.15 -10.75
C ARG A 13 0.49 0.96 -9.63
N ILE A 14 1.24 1.41 -8.62
CA ILE A 14 0.65 2.19 -7.51
C ILE A 14 0.18 3.55 -8.05
N GLY A 15 1.00 4.25 -8.82
CA GLY A 15 0.59 5.58 -9.32
C GLY A 15 -0.75 5.52 -10.03
N ARG A 16 -0.98 4.52 -10.88
CA ARG A 16 -2.19 4.51 -11.75
C ARG A 16 -3.39 4.02 -10.96
N CYS A 17 -3.19 3.09 -10.02
CA CYS A 17 -4.26 2.62 -9.11
C CYS A 17 -4.72 3.84 -8.28
N VAL A 18 -3.79 4.59 -7.70
CA VAL A 18 -4.07 5.80 -6.89
C VAL A 18 -4.93 6.76 -7.72
N ALA A 19 -4.54 7.00 -8.97
CA ALA A 19 -5.25 7.96 -9.86
C ALA A 19 -6.69 7.51 -10.09
N ARG A 20 -6.91 6.24 -10.44
CA ARG A 20 -8.28 5.70 -10.65
C ARG A 20 -9.10 5.91 -9.37
N ILE A 21 -8.51 5.67 -8.20
CA ILE A 21 -9.22 5.74 -6.89
C ILE A 21 -9.57 7.22 -6.65
N ILE A 22 -8.65 8.13 -6.98
CA ILE A 22 -8.93 9.58 -6.80
C ILE A 22 -10.07 9.98 -7.73
N LEU A 23 -10.11 9.48 -8.96
CA LEU A 23 -11.18 9.88 -9.89
C LEU A 23 -12.56 9.35 -9.48
N GLU A 24 -12.68 8.32 -8.61
CA GLU A 24 -13.98 7.79 -8.10
C GLU A 24 -14.42 8.60 -6.85
N ARG A 25 -13.60 9.48 -6.27
CA ARG A 25 -14.05 10.19 -5.04
C ARG A 25 -14.12 11.70 -5.21
N ASN A 26 -14.96 12.32 -4.39
CA ASN A 26 -15.27 13.78 -4.45
C ASN A 26 -14.49 14.58 -3.37
N ASP A 27 -13.68 13.94 -2.52
CA ASP A 27 -12.99 14.62 -1.37
C ASP A 27 -11.49 14.74 -1.67
N ILE A 28 -11.08 14.45 -2.90
CA ILE A 28 -9.66 14.57 -3.32
C ILE A 28 -9.63 14.75 -4.83
N GLU A 29 -8.69 15.53 -5.33
CA GLU A 29 -8.64 15.92 -6.74
C GLU A 29 -7.20 15.76 -7.25
N LEU A 30 -7.04 15.15 -8.41
CA LEU A 30 -5.72 14.94 -9.01
C LEU A 30 -5.48 16.07 -10.02
N VAL A 31 -4.37 16.79 -9.87
CA VAL A 31 -4.01 17.98 -10.69
C VAL A 31 -2.77 17.70 -11.54
N ALA A 32 -1.91 16.77 -11.17
CA ALA A 32 -0.65 16.53 -11.91
C ALA A 32 -0.10 15.14 -11.64
N ILE A 33 0.59 14.62 -12.65
CA ILE A 33 1.40 13.38 -12.54
C ILE A 33 2.77 13.64 -13.18
N ASN A 34 3.69 12.76 -12.89
CA ASN A 34 5.03 12.74 -13.52
C ASN A 34 5.35 11.28 -13.80
N ASP A 35 5.82 11.00 -15.00
CA ASP A 35 6.42 9.70 -15.38
C ASP A 35 7.25 9.96 -16.63
N THR A 36 8.39 9.30 -16.68
CA THR A 36 9.40 9.37 -17.74
C THR A 36 8.91 8.63 -19.00
N THR A 37 7.66 8.76 -19.39
CA THR A 37 7.09 8.07 -20.58
C THR A 37 6.51 9.12 -21.54
N ASP A 38 6.38 8.80 -22.82
CA ASP A 38 5.62 9.69 -23.75
C ASP A 38 4.13 9.59 -23.38
N ILE A 39 3.36 10.59 -23.82
CA ILE A 39 1.96 10.82 -23.37
C ILE A 39 1.06 9.72 -24.00
N GLU A 40 1.38 9.23 -25.20
CA GLU A 40 0.60 8.15 -25.88
C GLU A 40 0.62 6.89 -24.99
N LEU A 41 1.74 6.58 -24.36
CA LEU A 41 1.91 5.35 -23.56
C LEU A 41 1.27 5.51 -22.19
N THR A 42 1.38 6.71 -21.58
CA THR A 42 0.66 7.11 -20.34
C THR A 42 -0.83 6.84 -20.53
N LYS A 43 -1.42 7.32 -21.63
CA LYS A 43 -2.87 7.19 -21.87
C LYS A 43 -3.25 5.70 -21.97
N TYR A 44 -2.48 4.94 -22.75
CA TYR A 44 -2.73 3.52 -23.04
C TYR A 44 -2.68 2.74 -21.73
N LEU A 45 -1.59 2.88 -20.96
CA LEU A 45 -1.48 2.16 -19.67
C LEU A 45 -2.57 2.58 -18.70
N PHE A 46 -3.02 3.83 -18.73
CA PHE A 46 -4.04 4.27 -17.75
C PHE A 46 -5.37 3.64 -18.16
N LYS A 47 -5.65 3.62 -19.47
CA LYS A 47 -6.95 3.22 -20.05
C LYS A 47 -7.13 1.71 -19.88
N TYR A 48 -6.09 0.93 -20.19
CA TYR A 48 -6.19 -0.55 -20.24
C TYR A 48 -5.34 -1.15 -19.13
N ASP A 49 -5.86 -2.11 -18.39
CA ASP A 49 -5.14 -2.70 -17.24
C ASP A 49 -5.44 -4.19 -17.22
N THR A 50 -4.41 -5.04 -17.27
CA THR A 50 -4.56 -6.51 -17.32
C THR A 50 -5.33 -7.00 -16.09
N VAL A 51 -5.08 -6.37 -14.96
CA VAL A 51 -5.53 -6.78 -13.61
C VAL A 51 -6.89 -6.17 -13.27
N HIS A 52 -6.99 -4.83 -13.34
CA HIS A 52 -8.15 -4.06 -12.80
C HIS A 52 -9.12 -3.70 -13.92
N GLY A 53 -8.90 -4.12 -15.17
CA GLY A 53 -9.86 -3.91 -16.27
C GLY A 53 -9.76 -2.53 -16.90
N GLU A 54 -10.58 -2.28 -17.90
CA GLU A 54 -10.63 -1.02 -18.66
C GLU A 54 -11.16 0.10 -17.76
N PHE A 55 -10.48 1.25 -17.76
CA PHE A 55 -11.06 2.52 -17.22
C PHE A 55 -12.34 2.89 -18.02
N LYS A 56 -13.47 3.01 -17.33
CA LYS A 56 -14.78 3.39 -17.94
C LYS A 56 -14.77 4.92 -18.04
N GLY A 57 -14.79 5.46 -19.23
CA GLY A 57 -14.65 6.92 -19.41
C GLY A 57 -13.61 7.25 -20.45
N SER A 58 -13.61 8.51 -20.89
CA SER A 58 -12.77 9.02 -21.98
C SER A 58 -11.37 9.30 -21.42
N VAL A 59 -10.35 8.88 -22.16
CA VAL A 59 -8.94 9.15 -21.82
C VAL A 59 -8.30 9.73 -23.08
N ASP A 60 -8.10 11.05 -23.05
CA ASP A 60 -7.63 11.89 -24.16
C ASP A 60 -6.39 12.67 -23.68
N SER A 61 -5.73 13.36 -24.59
CA SER A 61 -4.63 14.31 -24.27
C SER A 61 -4.79 15.61 -25.06
N GLU A 62 -4.08 16.63 -24.60
CA GLU A 62 -4.11 18.00 -25.19
C GLU A 62 -3.02 18.85 -24.52
N GLY A 63 -1.84 19.00 -25.12
CA GLY A 63 -0.99 17.92 -25.58
C GLY A 63 -0.05 17.51 -24.45
N ASP A 64 0.14 18.39 -23.44
CA ASP A 64 0.87 18.17 -22.15
C ASP A 64 -0.09 17.83 -20.98
N ASP A 65 -1.33 17.53 -21.30
CA ASP A 65 -2.39 17.23 -20.30
C ASP A 65 -3.05 15.91 -20.69
N LEU A 66 -3.16 14.98 -19.74
CA LEU A 66 -4.22 13.98 -19.75
C LEU A 66 -5.51 14.74 -19.65
N VAL A 67 -6.52 14.40 -20.44
CA VAL A 67 -7.92 14.85 -20.22
C VAL A 67 -8.75 13.61 -19.90
N VAL A 68 -9.11 13.41 -18.63
CA VAL A 68 -9.85 12.21 -18.17
C VAL A 68 -11.30 12.59 -17.86
N ASN A 69 -12.26 12.06 -18.62
CA ASN A 69 -13.69 12.44 -18.47
C ASN A 69 -13.78 13.97 -18.44
N GLY A 70 -13.12 14.63 -19.40
CA GLY A 70 -13.18 16.10 -19.53
C GLY A 70 -12.28 16.86 -18.57
N LYS A 71 -11.71 16.29 -17.50
CA LYS A 71 -10.89 17.09 -16.55
C LYS A 71 -9.41 17.03 -16.96
N LYS A 72 -8.76 18.21 -17.08
CA LYS A 72 -7.34 18.37 -17.45
C LYS A 72 -6.42 18.05 -16.26
N ILE A 73 -5.42 17.22 -16.51
CA ILE A 73 -4.38 16.82 -15.52
C ILE A 73 -3.03 17.09 -16.17
N LYS A 74 -2.23 17.97 -15.57
CA LYS A 74 -0.87 18.26 -16.06
C LYS A 74 -0.01 16.98 -16.01
N VAL A 75 0.77 16.72 -17.05
CA VAL A 75 1.77 15.61 -17.12
C VAL A 75 3.17 16.21 -17.31
N PHE A 76 4.02 16.03 -16.31
CA PHE A 76 5.47 16.25 -16.36
C PHE A 76 6.14 14.95 -16.85
N LYS A 77 7.38 15.04 -17.36
CA LYS A 77 8.27 13.89 -17.68
C LYS A 77 9.70 14.31 -17.37
N SER A 78 10.06 14.26 -16.09
CA SER A 78 11.44 14.50 -15.63
C SER A 78 11.74 13.58 -14.44
N ARG A 79 12.95 13.03 -14.42
CA ARG A 79 13.45 12.20 -13.28
CA ARG A 79 13.49 12.22 -13.30
C ARG A 79 13.76 13.12 -12.09
N ASN A 80 13.95 14.42 -12.32
CA ASN A 80 14.51 15.37 -11.31
C ASN A 80 13.40 16.22 -10.72
N VAL A 81 13.24 16.11 -9.41
CA VAL A 81 12.25 16.85 -8.57
C VAL A 81 12.34 18.36 -8.86
N LYS A 82 13.52 18.86 -9.25
CA LYS A 82 13.78 20.28 -9.67
C LYS A 82 12.76 20.76 -10.71
N ASP A 83 12.40 19.91 -11.67
CA ASP A 83 11.57 20.28 -12.85
C ASP A 83 10.09 20.04 -12.59
N LEU A 84 9.71 19.65 -11.36
CA LEU A 84 8.31 19.23 -11.07
C LEU A 84 7.62 20.30 -10.22
N ASP A 85 7.12 21.40 -10.82
CA ASP A 85 6.40 22.45 -10.03
CA ASP A 85 6.39 22.47 -10.08
C ASP A 85 4.93 22.01 -9.91
N PHE A 86 4.72 20.95 -9.15
CA PHE A 86 3.39 20.42 -8.78
C PHE A 86 2.56 21.51 -8.07
N ALA A 87 3.16 22.28 -7.15
CA ALA A 87 2.44 23.34 -6.39
C ALA A 87 1.88 24.38 -7.36
N LYS A 88 2.57 24.65 -8.47
CA LYS A 88 2.17 25.64 -9.51
C LYS A 88 0.84 25.21 -10.16
N HIS A 89 0.51 23.92 -10.11
CA HIS A 89 -0.77 23.38 -10.65
C HIS A 89 -1.74 23.11 -9.51
N GLY A 90 -1.40 23.53 -8.29
CA GLY A 90 -2.34 23.54 -7.16
C GLY A 90 -2.12 22.42 -6.16
N ALA A 91 -1.11 21.56 -6.37
CA ALA A 91 -0.95 20.34 -5.56
C ALA A 91 -0.60 20.77 -4.13
N GLN A 92 -1.33 20.23 -3.15
CA GLN A 92 -1.05 20.39 -1.70
C GLN A 92 -0.27 19.18 -1.23
N ILE A 93 -0.60 18.00 -1.74
CA ILE A 93 0.07 16.74 -1.32
C ILE A 93 0.64 16.05 -2.54
N VAL A 94 1.89 15.64 -2.42
CA VAL A 94 2.54 14.75 -3.40
C VAL A 94 2.52 13.32 -2.84
N LEU A 95 1.98 12.41 -3.66
CA LEU A 95 2.08 10.95 -3.44
C LEU A 95 3.32 10.44 -4.17
N GLU A 96 4.33 10.02 -3.40
CA GLU A 96 5.66 9.67 -3.94
C GLU A 96 5.69 8.16 -4.22
N CYS A 97 5.47 7.82 -5.50
CA CYS A 97 5.22 6.45 -6.02
C CYS A 97 6.30 6.05 -7.04
N THR A 98 7.51 6.62 -6.95
CA THR A 98 8.62 6.30 -7.90
C THR A 98 9.50 5.16 -7.36
N GLY A 99 9.56 4.98 -6.03
CA GLY A 99 10.57 4.10 -5.41
C GLY A 99 11.96 4.74 -5.29
N ALA A 100 12.12 6.01 -5.68
CA ALA A 100 13.42 6.66 -5.92
C ALA A 100 13.71 7.65 -4.79
N HIS A 101 12.70 7.98 -3.97
CA HIS A 101 12.70 9.14 -3.06
C HIS A 101 12.21 8.72 -1.66
N LEU A 102 12.98 7.91 -0.94
CA LEU A 102 12.49 7.31 0.32
C LEU A 102 13.28 7.82 1.53
N THR A 103 13.70 9.08 1.47
CA THR A 103 14.32 9.82 2.61
C THR A 103 13.77 11.24 2.62
N MET A 104 13.75 11.83 3.79
CA MET A 104 13.37 13.24 3.97
C MET A 104 14.27 14.11 3.09
N ALA A 105 15.57 13.81 3.00
CA ALA A 105 16.53 14.62 2.21
C ALA A 105 16.01 14.69 0.77
N LYS A 106 15.56 13.57 0.21
CA LYS A 106 15.18 13.49 -1.23
C LYS A 106 13.76 14.03 -1.46
N CYS A 107 12.98 14.27 -0.42
CA CYS A 107 11.57 14.75 -0.57
C CYS A 107 11.47 16.21 -0.14
N GLN A 108 12.49 16.75 0.55
CA GLN A 108 12.47 18.13 1.11
C GLN A 108 12.33 19.13 -0.04
N GLU A 109 12.88 18.82 -1.21
CA GLU A 109 12.84 19.72 -2.39
C GLU A 109 11.38 20.00 -2.80
N PHE A 110 10.46 19.05 -2.58
CA PHE A 110 9.02 19.24 -2.88
C PHE A 110 8.48 20.35 -1.98
N ILE A 111 8.73 20.26 -0.68
CA ILE A 111 8.32 21.24 0.35
C ILE A 111 8.92 22.61 0.01
N ASP A 112 10.21 22.65 -0.29
CA ASP A 112 10.99 23.84 -0.69
C ASP A 112 10.37 24.47 -1.95
N MET A 113 9.72 23.71 -2.83
CA MET A 113 9.03 24.29 -4.02
C MET A 113 7.55 24.53 -3.75
N GLY A 114 7.08 24.43 -2.51
CA GLY A 114 5.73 24.90 -2.10
C GLY A 114 4.71 23.80 -1.90
N VAL A 115 5.07 22.53 -2.01
CA VAL A 115 4.16 21.42 -1.63
C VAL A 115 4.04 21.43 -0.11
N GLN A 116 2.86 21.19 0.45
CA GLN A 116 2.65 21.21 1.92
C GLN A 116 3.08 19.88 2.55
N LYS A 117 2.79 18.76 1.88
CA LYS A 117 3.02 17.39 2.43
C LYS A 117 3.41 16.40 1.33
N VAL A 118 4.36 15.53 1.67
CA VAL A 118 4.78 14.37 0.86
C VAL A 118 4.49 13.08 1.64
N ILE A 119 3.90 12.10 0.96
CA ILE A 119 3.66 10.72 1.45
C ILE A 119 4.43 9.75 0.57
N MET A 120 5.39 9.04 1.15
CA MET A 120 6.15 7.96 0.47
C MET A 120 5.25 6.73 0.36
N SER A 121 5.26 6.10 -0.81
CA SER A 121 4.43 4.93 -1.15
C SER A 121 5.20 3.67 -0.78
N ALA A 122 6.15 3.77 0.14
CA ALA A 122 6.99 2.64 0.58
C ALA A 122 7.65 3.00 1.90
N PRO A 123 8.16 1.98 2.63
CA PRO A 123 8.94 2.20 3.83
C PRO A 123 10.09 3.16 3.55
N ALA A 124 10.30 4.10 4.48
CA ALA A 124 11.39 5.09 4.43
C ALA A 124 12.73 4.37 4.64
N LYS A 125 13.78 4.85 3.97
CA LYS A 125 15.17 4.32 4.13
C LYS A 125 15.93 5.13 5.19
N ASP A 126 15.30 6.09 5.86
CA ASP A 126 15.84 6.90 6.99
C ASP A 126 14.82 6.89 8.14
N ASP A 127 14.85 7.85 9.06
CA ASP A 127 13.93 7.85 10.24
C ASP A 127 12.72 8.79 10.00
N THR A 128 12.34 9.02 8.73
CA THR A 128 11.06 9.67 8.31
C THR A 128 9.92 9.04 9.11
N PRO A 129 9.05 9.81 9.77
CA PRO A 129 7.93 9.22 10.50
C PRO A 129 7.03 8.38 9.59
N THR A 130 6.65 7.22 10.11
CA THR A 130 5.74 6.21 9.49
C THR A 130 4.38 6.20 10.18
N TYR A 131 3.33 6.25 9.38
CA TYR A 131 1.92 6.20 9.80
C TYR A 131 1.16 5.19 8.93
N VAL A 132 0.30 4.44 9.59
CA VAL A 132 -0.62 3.43 8.99
C VAL A 132 -2.01 3.64 9.59
N LEU A 133 -2.98 3.77 8.70
CA LEU A 133 -4.38 4.07 9.10
C LEU A 133 -4.92 2.92 9.93
N GLY A 134 -5.56 3.27 11.03
CA GLY A 134 -6.14 2.30 11.97
C GLY A 134 -5.13 1.76 12.95
N VAL A 135 -3.85 2.07 12.79
CA VAL A 135 -2.77 1.45 13.61
C VAL A 135 -2.14 2.53 14.48
N ASN A 136 -1.58 3.56 13.88
CA ASN A 136 -1.02 4.69 14.66
C ASN A 136 -1.37 6.01 14.01
N SER A 137 -2.35 6.05 13.10
CA SER A 137 -2.77 7.30 12.39
C SER A 137 -3.27 8.34 13.41
N GLU A 138 -3.87 7.92 14.52
CA GLU A 138 -4.40 8.81 15.57
C GLU A 138 -3.26 9.65 16.17
N LEU A 139 -2.00 9.22 16.05
CA LEU A 139 -0.82 9.90 16.68
C LEU A 139 -0.18 10.94 15.74
N TYR A 140 -0.70 11.16 14.53
CA TYR A 140 -0.09 12.08 13.54
C TYR A 140 0.12 13.46 14.20
N LYS A 141 1.27 14.07 13.96
CA LYS A 141 1.72 15.33 14.63
C LYS A 141 1.83 16.49 13.61
N GLY A 142 1.32 16.34 12.39
CA GLY A 142 1.36 17.43 11.37
C GLY A 142 2.64 17.42 10.56
N GLU A 143 3.46 16.38 10.68
CA GLU A 143 4.74 16.26 9.92
C GLU A 143 4.45 16.43 8.43
N SER A 144 5.38 17.03 7.71
CA SER A 144 5.09 17.40 6.32
C SER A 144 5.64 16.32 5.40
N ILE A 145 6.51 15.44 5.89
CA ILE A 145 6.97 14.26 5.10
C ILE A 145 6.73 13.00 5.93
N ILE A 146 5.94 12.06 5.40
CA ILE A 146 5.70 10.75 6.09
C ILE A 146 5.84 9.58 5.11
N SER A 147 6.04 8.39 5.68
CA SER A 147 5.90 7.08 4.99
C SER A 147 4.57 6.42 5.35
N ASN A 148 3.94 5.80 4.35
CA ASN A 148 2.69 5.02 4.54
C ASN A 148 3.06 3.53 4.69
N ALA A 149 4.35 3.23 4.84
CA ALA A 149 4.89 1.87 5.03
C ALA A 149 4.68 1.07 3.73
N SER A 150 4.53 -0.25 3.79
CA SER A 150 4.40 -1.17 2.61
C SER A 150 2.99 -1.76 2.56
N CYS A 151 2.62 -2.39 1.44
CA CYS A 151 1.36 -3.13 1.24
C CYS A 151 1.20 -4.15 2.40
N THR A 152 2.28 -4.81 2.73
CA THR A 152 2.31 -5.84 3.79
C THR A 152 2.05 -5.21 5.16
N THR A 153 2.63 -4.05 5.46
CA THR A 153 2.39 -3.38 6.76
C THR A 153 0.90 -3.04 6.90
N ASN A 154 0.24 -2.73 5.77
CA ASN A 154 -1.17 -2.24 5.79
C ASN A 154 -2.15 -3.43 5.83
N CYS A 155 -1.66 -4.66 5.81
CA CYS A 155 -2.44 -5.87 6.11
C CYS A 155 -2.04 -6.36 7.52
N LEU A 156 -0.76 -6.56 7.72
CA LEU A 156 -0.26 -7.14 8.99
C LEU A 156 -0.56 -6.18 10.15
N GLY A 157 -0.36 -4.88 9.92
CA GLY A 157 -0.59 -3.83 10.93
C GLY A 157 -1.97 -3.90 11.56
N PRO A 158 -3.05 -3.76 10.76
CA PRO A 158 -4.40 -3.84 11.30
C PRO A 158 -4.67 -5.17 12.01
N VAL A 159 -4.15 -6.28 11.50
CA VAL A 159 -4.32 -7.62 12.14
C VAL A 159 -3.69 -7.57 13.55
N CYS A 160 -2.45 -7.10 13.66
CA CYS A 160 -1.73 -6.95 14.94
C CYS A 160 -2.47 -6.01 15.89
N ARG A 161 -2.99 -4.89 15.38
CA ARG A 161 -3.74 -3.92 16.19
C ARG A 161 -4.83 -4.69 16.97
N VAL A 162 -5.62 -5.48 16.26
CA VAL A 162 -6.73 -6.24 16.88
C VAL A 162 -6.17 -7.27 17.88
N LEU A 163 -5.16 -8.04 17.48
CA LEU A 163 -4.62 -9.11 18.37
C LEU A 163 -4.02 -8.46 19.61
N GLN A 164 -3.32 -7.34 19.44
CA GLN A 164 -2.60 -6.73 20.56
C GLN A 164 -3.65 -6.18 21.53
N ASP A 165 -4.66 -5.50 21.02
CA ASP A 165 -5.69 -4.80 21.85
C ASP A 165 -6.56 -5.79 22.62
N ASN A 166 -6.83 -6.97 22.07
CA ASN A 166 -7.79 -7.93 22.69
C ASN A 166 -7.01 -8.93 23.56
N PHE A 167 -5.82 -9.36 23.13
CA PHE A 167 -5.17 -10.61 23.64
C PHE A 167 -3.73 -10.40 24.12
N GLY A 168 -2.93 -9.56 23.46
CA GLY A 168 -1.50 -9.39 23.76
C GLY A 168 -0.66 -10.32 22.89
N ILE A 169 0.28 -9.76 22.12
CA ILE A 169 1.22 -10.56 21.29
C ILE A 169 2.52 -10.73 22.08
N GLU A 170 2.92 -11.97 22.37
CA GLU A 170 4.21 -12.27 23.03
C GLU A 170 5.30 -12.36 21.96
N LYS A 171 5.04 -13.06 20.85
CA LYS A 171 6.02 -13.17 19.76
C LYS A 171 5.31 -13.76 18.54
N GLY A 172 5.91 -13.66 17.37
CA GLY A 172 5.26 -14.05 16.12
C GLY A 172 6.19 -14.04 14.93
N LEU A 173 5.94 -14.92 13.96
CA LEU A 173 6.65 -14.93 12.68
C LEU A 173 5.60 -14.98 11.59
N MET A 174 5.93 -14.38 10.47
CA MET A 174 4.97 -14.10 9.41
C MET A 174 5.60 -14.63 8.12
N THR A 175 4.81 -15.31 7.29
CA THR A 175 5.10 -15.50 5.84
C THR A 175 4.04 -14.77 5.02
N THR A 176 4.46 -14.12 3.95
CA THR A 176 3.51 -13.58 2.97
C THR A 176 3.67 -14.42 1.72
N ILE A 177 2.55 -14.86 1.19
CA ILE A 177 2.50 -15.41 -0.18
C ILE A 177 2.12 -14.25 -1.08
N HIS A 178 3.07 -13.80 -1.88
CA HIS A 178 2.98 -12.49 -2.54
C HIS A 178 2.97 -12.67 -4.06
N ALA A 179 2.07 -11.91 -4.70
CA ALA A 179 1.97 -11.74 -6.15
C ALA A 179 3.32 -11.27 -6.67
N TYR A 180 3.66 -11.58 -7.91
CA TYR A 180 4.89 -11.02 -8.52
C TYR A 180 4.63 -9.55 -8.79
N THR A 181 5.70 -8.76 -8.91
CA THR A 181 5.71 -7.28 -9.07
C THR A 181 6.77 -6.89 -10.09
N ASN A 182 6.80 -5.64 -10.52
CA ASN A 182 7.91 -5.09 -11.35
C ASN A 182 9.27 -5.27 -10.64
N GLY A 183 10.35 -5.34 -11.41
CA GLY A 183 11.69 -5.65 -10.86
C GLY A 183 11.76 -7.04 -10.22
N GLN A 184 10.90 -7.96 -10.68
CA GLN A 184 11.12 -9.42 -10.73
C GLN A 184 11.32 -9.74 -12.22
N SER A 185 12.21 -10.68 -12.59
CA SER A 185 12.46 -11.04 -14.00
C SER A 185 11.42 -12.05 -14.51
N ILE A 186 11.05 -11.85 -15.76
CA ILE A 186 10.16 -12.69 -16.59
C ILE A 186 10.89 -14.02 -16.90
N ILE A 187 12.20 -13.97 -17.13
CA ILE A 187 13.03 -15.15 -17.50
C ILE A 187 14.24 -15.12 -16.57
N ASP A 188 15.01 -16.20 -16.47
CA ASP A 188 16.18 -16.16 -15.56
C ASP A 188 17.16 -15.11 -16.11
N ALA A 189 17.38 -14.02 -15.38
CA ALA A 189 18.27 -12.91 -15.81
C ALA A 189 18.72 -12.13 -14.59
N LYS A 190 19.92 -11.55 -14.69
CA LYS A 190 20.57 -10.80 -13.58
C LYS A 190 19.63 -9.76 -12.99
N ALA A 191 19.65 -9.70 -11.66
CA ALA A 191 18.86 -8.81 -10.79
C ALA A 191 19.72 -8.51 -9.55
N LYS A 192 19.18 -7.88 -8.52
CA LYS A 192 20.04 -7.36 -7.42
C LYS A 192 20.54 -8.55 -6.57
N ASP A 193 19.85 -9.71 -6.58
CA ASP A 193 20.32 -10.94 -5.88
C ASP A 193 19.88 -12.20 -6.63
N LYS A 194 20.32 -13.35 -6.13
CA LYS A 194 20.18 -14.65 -6.81
C LYS A 194 18.71 -14.95 -7.09
N ARG A 195 17.90 -15.08 -6.04
CA ARG A 195 16.49 -15.52 -6.15
C ARG A 195 15.66 -14.55 -7.01
N ARG A 196 15.90 -13.24 -6.90
CA ARG A 196 15.18 -12.22 -7.70
C ARG A 196 15.55 -12.37 -9.19
N SER A 197 16.67 -13.04 -9.51
CA SER A 197 17.09 -13.31 -10.91
C SER A 197 16.23 -14.38 -11.59
N ARG A 198 15.35 -15.09 -10.86
CA ARG A 198 14.74 -16.32 -11.42
C ARG A 198 13.34 -16.01 -11.95
N ALA A 199 12.88 -16.77 -12.94
CA ALA A 199 11.60 -16.54 -13.67
C ALA A 199 10.41 -16.52 -12.69
N ALA A 200 9.73 -15.40 -12.61
CA ALA A 200 8.69 -15.12 -11.61
C ALA A 200 7.38 -15.86 -11.89
N ALA A 201 7.04 -16.18 -13.13
CA ALA A 201 5.73 -16.80 -13.46
C ALA A 201 5.84 -18.34 -13.45
N GLN A 202 7.03 -18.90 -13.20
CA GLN A 202 7.26 -20.38 -13.18
C GLN A 202 8.01 -20.83 -11.93
N ASN A 203 8.08 -20.04 -10.86
CA ASN A 203 8.75 -20.47 -9.61
C ASN A 203 8.02 -19.93 -8.37
N ILE A 204 8.14 -20.65 -7.25
CA ILE A 204 8.00 -20.08 -5.89
C ILE A 204 9.35 -19.50 -5.51
N ILE A 205 9.39 -18.21 -5.16
CA ILE A 205 10.66 -17.46 -4.98
C ILE A 205 10.66 -16.86 -3.59
N PRO A 206 11.43 -17.43 -2.63
CA PRO A 206 11.67 -16.77 -1.35
C PRO A 206 12.29 -15.38 -1.54
N THR A 207 11.76 -14.39 -0.82
CA THR A 207 12.06 -12.94 -0.95
C THR A 207 11.99 -12.34 0.44
N SER A 208 12.93 -11.48 0.81
CA SER A 208 12.98 -10.91 2.19
C SER A 208 11.96 -9.77 2.31
N THR A 209 11.45 -9.52 3.51
CA THR A 209 10.63 -8.31 3.83
C THR A 209 10.98 -7.86 5.24
N GLY A 210 11.16 -6.56 5.41
CA GLY A 210 11.34 -5.95 6.74
C GLY A 210 10.01 -5.64 7.42
N ALA A 211 8.86 -5.97 6.82
CA ALA A 211 7.51 -5.51 7.25
C ALA A 211 7.24 -5.91 8.70
N ALA A 212 7.60 -7.11 9.12
CA ALA A 212 7.36 -7.61 10.49
C ALA A 212 8.25 -6.89 11.51
N LYS A 213 9.56 -6.84 11.28
CA LYS A 213 10.54 -6.24 12.24
C LYS A 213 10.20 -4.76 12.39
N ALA A 214 9.80 -4.13 11.28
CA ALA A 214 9.48 -2.68 11.17
C ALA A 214 8.12 -2.34 11.80
N MET A 215 7.36 -3.32 12.29
CA MET A 215 6.08 -3.02 13.00
C MET A 215 6.35 -2.15 14.25
N LYS A 216 7.55 -2.22 14.85
CA LYS A 216 7.95 -1.36 15.99
C LYS A 216 7.72 0.12 15.64
N LEU A 217 7.93 0.54 14.37
CA LEU A 217 7.71 1.95 13.97
C LEU A 217 6.25 2.38 14.22
N VAL A 218 5.27 1.50 14.07
CA VAL A 218 3.83 1.90 14.14
C VAL A 218 3.18 1.32 15.42
N MET A 219 3.80 0.31 16.03
CA MET A 219 3.36 -0.31 17.30
C MET A 219 4.61 -0.62 18.11
N PRO A 220 5.18 0.36 18.85
CA PRO A 220 6.46 0.16 19.55
C PRO A 220 6.47 -0.96 20.59
N GLU A 221 5.30 -1.36 21.09
CA GLU A 221 5.17 -2.49 22.04
C GLU A 221 5.57 -3.80 21.33
N LEU A 222 5.61 -3.83 20.00
CA LEU A 222 6.04 -5.04 19.24
C LEU A 222 7.54 -4.98 18.86
N ASN A 223 8.30 -4.02 19.37
CA ASN A 223 9.79 -4.00 19.15
C ASN A 223 10.41 -5.34 19.54
N GLY A 224 11.03 -6.06 18.59
CA GLY A 224 11.76 -7.31 18.87
C GLY A 224 10.89 -8.55 18.98
N LYS A 225 9.59 -8.41 18.71
CA LYS A 225 8.62 -9.51 18.95
C LYS A 225 8.19 -10.19 17.65
N LEU A 226 8.34 -9.56 16.48
CA LEU A 226 7.91 -10.09 15.16
C LEU A 226 9.07 -10.06 14.18
N HIS A 227 9.14 -11.09 13.34
CA HIS A 227 9.95 -11.09 12.09
C HIS A 227 9.14 -11.87 11.06
N GLY A 228 9.60 -11.90 9.84
CA GLY A 228 8.92 -12.69 8.80
C GLY A 228 9.64 -12.63 7.49
N GLN A 229 8.98 -13.19 6.48
CA GLN A 229 9.61 -13.39 5.15
C GLN A 229 8.50 -13.55 4.13
N SER A 230 8.87 -13.68 2.86
CA SER A 230 7.94 -13.71 1.72
C SER A 230 8.25 -14.86 0.77
N MET A 231 7.21 -15.36 0.11
CA MET A 231 7.29 -16.34 -0.99
C MET A 231 6.52 -15.75 -2.17
N ARG A 232 7.24 -15.30 -3.19
CA ARG A 232 6.63 -14.76 -4.42
C ARG A 232 6.12 -15.95 -5.21
N VAL A 233 4.88 -15.90 -5.67
CA VAL A 233 4.27 -17.01 -6.46
C VAL A 233 3.69 -16.43 -7.75
N PRO A 234 3.42 -17.29 -8.74
CA PRO A 234 2.88 -16.85 -10.03
C PRO A 234 1.40 -16.41 -10.02
N VAL A 235 1.09 -15.32 -9.33
CA VAL A 235 -0.17 -14.55 -9.52
C VAL A 235 0.23 -13.12 -9.80
N ILE A 236 -0.52 -12.46 -10.66
CA ILE A 236 -0.18 -11.08 -11.11
C ILE A 236 -0.52 -10.07 -10.02
N ASP A 237 -1.52 -10.38 -9.16
CA ASP A 237 -1.95 -9.48 -8.08
C ASP A 237 -2.70 -10.26 -6.99
N VAL A 238 -2.66 -9.70 -5.79
CA VAL A 238 -3.28 -10.20 -4.54
C VAL A 238 -2.31 -11.15 -3.85
N SER A 239 -2.22 -10.97 -2.54
CA SER A 239 -1.27 -11.62 -1.63
C SER A 239 -1.96 -12.01 -0.32
N SER A 240 -1.29 -12.79 0.52
CA SER A 240 -1.77 -13.14 1.87
C SER A 240 -0.68 -12.96 2.91
N VAL A 241 -1.10 -12.52 4.08
CA VAL A 241 -0.29 -12.58 5.31
C VAL A 241 -0.71 -13.84 6.05
N ASP A 242 0.29 -14.62 6.43
CA ASP A 242 0.16 -15.82 7.29
C ASP A 242 0.94 -15.51 8.57
N LEU A 243 0.25 -15.06 9.59
CA LEU A 243 0.86 -14.69 10.88
C LEU A 243 0.73 -15.85 11.86
N THR A 244 1.84 -16.31 12.39
CA THR A 244 1.87 -17.30 13.48
C THR A 244 2.38 -16.62 14.73
N ALA A 245 1.65 -16.65 15.83
CA ALA A 245 2.05 -15.90 17.03
C ALA A 245 1.67 -16.66 18.30
N GLN A 246 2.36 -16.33 19.38
CA GLN A 246 2.03 -16.75 20.75
C GLN A 246 1.39 -15.52 21.40
N LEU A 247 0.13 -15.63 21.83
CA LEU A 247 -0.61 -14.57 22.56
C LEU A 247 -0.37 -14.69 24.08
N SER A 248 -0.57 -13.58 24.79
CA SER A 248 -0.34 -13.42 26.25
C SER A 248 -1.31 -14.26 27.07
N ARG A 249 -2.41 -14.77 26.47
CA ARG A 249 -3.39 -15.61 27.20
C ARG A 249 -4.03 -16.64 26.28
N LYS A 250 -4.77 -17.55 26.89
CA LYS A 250 -5.54 -18.60 26.17
C LYS A 250 -6.67 -17.93 25.40
N VAL A 251 -6.89 -18.34 24.13
CA VAL A 251 -7.97 -17.82 23.27
C VAL A 251 -8.56 -19.01 22.55
N SER A 252 -9.77 -18.87 22.02
CA SER A 252 -10.35 -19.79 21.03
C SER A 252 -10.38 -19.15 19.63
N LYS A 253 -10.48 -19.98 18.59
CA LYS A 253 -10.72 -19.56 17.18
C LYS A 253 -11.88 -18.55 17.06
N ASP A 254 -13.04 -18.90 17.62
CA ASP A 254 -14.26 -18.07 17.59
C ASP A 254 -13.95 -16.70 18.21
N GLU A 255 -13.29 -16.68 19.35
CA GLU A 255 -12.95 -15.44 20.05
C GLU A 255 -12.07 -14.55 19.14
N ILE A 256 -11.07 -15.13 18.46
CA ILE A 256 -10.20 -14.37 17.50
C ILE A 256 -11.06 -13.81 16.36
N ASN A 257 -11.87 -14.64 15.73
CA ASN A 257 -12.70 -14.24 14.56
C ASN A 257 -13.67 -13.13 15.01
N GLU A 258 -14.19 -13.19 16.24
CA GLU A 258 -15.19 -12.22 16.73
C GLU A 258 -14.51 -10.88 16.98
N ALA A 259 -13.30 -10.91 17.52
CA ALA A 259 -12.50 -9.70 17.70
C ALA A 259 -12.29 -9.01 16.33
N PHE A 260 -11.92 -9.73 15.27
CA PHE A 260 -11.77 -9.15 13.90
C PHE A 260 -13.10 -8.57 13.39
N ARG A 261 -14.20 -9.29 13.56
CA ARG A 261 -15.52 -8.82 13.06
C ARG A 261 -15.92 -7.56 13.83
N LYS A 262 -15.60 -7.48 15.11
CA LYS A 262 -15.91 -6.31 15.93
C LYS A 262 -15.06 -5.10 15.49
N ALA A 263 -13.78 -5.27 15.20
CA ALA A 263 -12.96 -4.16 14.66
C ALA A 263 -13.45 -3.75 13.25
N ALA A 264 -13.82 -4.72 12.41
CA ALA A 264 -14.31 -4.47 11.03
C ALA A 264 -15.52 -3.53 11.09
N ALA A 265 -16.30 -3.62 12.16
CA ALA A 265 -17.58 -2.91 12.31
C ALA A 265 -17.34 -1.56 13.01
N THR A 266 -16.16 -1.31 13.64
CA THR A 266 -15.88 -0.12 14.52
C THR A 266 -14.54 0.54 14.12
N ASN A 267 -13.47 0.39 14.91
CA ASN A 267 -12.20 1.15 14.76
C ASN A 267 -11.49 0.84 13.42
N LEU A 268 -11.67 -0.32 12.79
CA LEU A 268 -11.01 -0.62 11.48
C LEU A 268 -12.02 -0.66 10.33
N LYS A 269 -13.18 -0.02 10.49
CA LYS A 269 -14.17 0.16 9.40
C LYS A 269 -13.46 0.62 8.12
N GLY A 270 -13.65 -0.09 7.00
CA GLY A 270 -13.07 0.32 5.71
C GLY A 270 -11.65 -0.21 5.52
N ILE A 271 -11.04 -0.74 6.57
CA ILE A 271 -9.58 -1.09 6.61
C ILE A 271 -9.43 -2.61 6.71
N LEU A 272 -10.09 -3.21 7.68
CA LEU A 272 -10.10 -4.68 7.85
C LEU A 272 -11.52 -5.20 7.71
N MET A 273 -11.66 -6.29 6.98
CA MET A 273 -12.92 -7.03 6.88
C MET A 273 -12.61 -8.50 7.09
N VAL A 274 -13.67 -9.26 7.30
CA VAL A 274 -13.60 -10.72 7.55
C VAL A 274 -14.37 -11.43 6.45
N ASP A 275 -13.73 -12.41 5.81
CA ASP A 275 -14.34 -13.26 4.75
C ASP A 275 -14.94 -14.51 5.40
N ASP A 276 -16.25 -14.68 5.30
CA ASP A 276 -17.01 -15.86 5.78
C ASP A 276 -17.52 -16.64 4.57
N ASP A 277 -17.11 -16.32 3.35
CA ASP A 277 -17.60 -16.91 2.07
C ASP A 277 -16.61 -17.87 1.40
N GLU A 278 -15.40 -18.05 1.92
CA GLU A 278 -14.41 -19.01 1.33
C GLU A 278 -14.02 -18.56 -0.09
N ARG A 279 -13.64 -17.29 -0.22
CA ARG A 279 -13.12 -16.72 -1.46
C ARG A 279 -11.69 -17.19 -1.65
N VAL A 280 -11.21 -17.01 -2.89
CA VAL A 280 -9.82 -17.28 -3.31
C VAL A 280 -9.21 -15.95 -3.77
N SER A 281 -7.93 -15.92 -4.12
CA SER A 281 -7.20 -14.64 -4.29
C SER A 281 -7.90 -13.73 -5.30
N SER A 282 -8.29 -14.24 -6.48
CA SER A 282 -8.81 -13.40 -7.58
C SER A 282 -10.10 -12.69 -7.15
N ASP A 283 -10.78 -13.18 -6.11
CA ASP A 283 -12.02 -12.53 -5.62
C ASP A 283 -11.70 -11.18 -5.00
N PHE A 284 -10.46 -10.92 -4.61
CA PHE A 284 -10.06 -9.67 -3.92
C PHE A 284 -9.34 -8.71 -4.86
N ILE A 285 -9.35 -8.99 -6.16
CA ILE A 285 -8.76 -8.04 -7.16
C ILE A 285 -9.62 -6.78 -7.13
N THR A 286 -8.99 -5.64 -6.92
CA THR A 286 -9.67 -4.32 -6.88
C THR A 286 -10.47 -4.19 -5.57
N CYS A 287 -10.05 -4.86 -4.51
CA CYS A 287 -10.62 -4.74 -3.15
C CYS A 287 -9.88 -3.62 -2.39
N SER A 288 -10.61 -2.72 -1.75
CA SER A 288 -10.04 -1.52 -1.07
C SER A 288 -9.67 -1.80 0.39
N TYR A 289 -10.01 -2.97 0.94
CA TYR A 289 -9.62 -3.33 2.33
C TYR A 289 -8.13 -3.70 2.35
N GLY A 290 -7.41 -3.24 3.36
CA GLY A 290 -5.97 -3.54 3.53
C GLY A 290 -5.72 -4.92 4.10
N ALA A 291 -6.69 -5.48 4.81
CA ALA A 291 -6.67 -6.84 5.40
C ALA A 291 -8.06 -7.48 5.26
N ILE A 292 -8.11 -8.69 4.70
CA ILE A 292 -9.33 -9.53 4.65
C ILE A 292 -8.98 -10.83 5.34
N VAL A 293 -9.36 -10.98 6.62
CA VAL A 293 -9.11 -12.21 7.41
C VAL A 293 -10.05 -13.31 6.91
N ALA A 294 -9.50 -14.45 6.50
CA ALA A 294 -10.27 -15.66 6.15
C ALA A 294 -10.58 -16.40 7.44
N SER A 295 -11.81 -16.27 7.91
CA SER A 295 -12.23 -16.71 9.26
C SER A 295 -12.07 -18.24 9.39
N ASP A 296 -12.35 -19.00 8.33
CA ASP A 296 -12.29 -20.48 8.38
C ASP A 296 -10.82 -20.96 8.48
N LEU A 297 -9.83 -20.10 8.21
CA LEU A 297 -8.39 -20.49 8.19
C LEU A 297 -7.71 -20.18 9.54
N THR A 298 -8.40 -19.49 10.44
CA THR A 298 -7.88 -19.14 11.80
C THR A 298 -7.63 -20.43 12.59
N GLN A 299 -6.41 -20.67 13.09
CA GLN A 299 -6.07 -21.90 13.84
C GLN A 299 -5.57 -21.53 15.25
N VAL A 300 -5.87 -22.36 16.25
CA VAL A 300 -5.28 -22.22 17.61
C VAL A 300 -4.88 -23.61 18.00
N ILE A 301 -3.68 -23.75 18.53
CA ILE A 301 -3.25 -25.01 19.15
C ILE A 301 -2.62 -24.68 20.51
N ALA A 302 -2.83 -25.58 21.46
CA ALA A 302 -2.21 -25.60 22.79
C ALA A 302 -2.39 -24.22 23.46
N ASP A 303 -3.61 -23.69 23.38
CA ASP A 303 -4.16 -22.57 24.18
C ASP A 303 -3.88 -21.21 23.51
N ASP A 304 -2.61 -20.94 23.21
CA ASP A 304 -2.11 -19.57 22.96
C ASP A 304 -1.31 -19.47 21.65
N PHE A 305 -1.22 -20.51 20.85
CA PHE A 305 -0.38 -20.53 19.65
C PHE A 305 -1.32 -20.44 18.44
N ILE A 306 -1.30 -19.35 17.70
CA ILE A 306 -2.37 -19.06 16.70
C ILE A 306 -1.75 -18.87 15.32
N LYS A 307 -2.57 -19.10 14.31
CA LYS A 307 -2.33 -18.70 12.92
C LYS A 307 -3.53 -17.92 12.41
N VAL A 308 -3.26 -16.78 11.77
CA VAL A 308 -4.27 -15.94 11.07
C VAL A 308 -3.83 -15.71 9.61
N ILE A 309 -4.74 -15.92 8.67
CA ILE A 309 -4.52 -15.71 7.20
C ILE A 309 -5.41 -14.55 6.79
N ALA A 310 -4.79 -13.54 6.19
CA ALA A 310 -5.47 -12.30 5.73
C ALA A 310 -5.01 -12.03 4.30
N TRP A 311 -5.94 -11.83 3.39
CA TRP A 311 -5.66 -11.40 2.01
C TRP A 311 -5.43 -9.90 1.95
N TYR A 312 -4.72 -9.44 0.92
CA TYR A 312 -4.66 -8.02 0.52
C TYR A 312 -4.39 -7.90 -0.96
N ASP A 313 -5.14 -7.04 -1.62
CA ASP A 313 -4.77 -6.58 -2.99
C ASP A 313 -3.60 -5.62 -2.76
N ASN A 314 -2.39 -6.10 -3.05
CA ASN A 314 -1.10 -5.40 -2.79
C ASN A 314 -1.07 -4.08 -3.56
N GLU A 315 -1.76 -4.01 -4.71
CA GLU A 315 -1.93 -2.77 -5.50
C GLU A 315 -3.05 -1.89 -4.93
N TRP A 316 -4.28 -2.42 -4.87
CA TRP A 316 -5.50 -1.59 -4.72
C TRP A 316 -5.72 -1.22 -3.25
N GLY A 317 -5.46 -2.13 -2.31
CA GLY A 317 -5.62 -1.86 -0.86
C GLY A 317 -4.67 -0.80 -0.37
N TYR A 318 -3.37 -0.96 -0.66
CA TYR A 318 -2.31 0.03 -0.33
C TYR A 318 -2.66 1.36 -1.00
N SER A 319 -2.98 1.36 -2.30
CA SER A 319 -3.34 2.62 -3.02
C SER A 319 -4.53 3.31 -2.32
N SER A 320 -5.51 2.53 -1.88
CA SER A 320 -6.72 3.02 -1.19
C SER A 320 -6.29 3.70 0.13
N ARG A 321 -5.30 3.11 0.85
CA ARG A 321 -4.73 3.71 2.08
C ARG A 321 -3.96 4.98 1.75
N LEU A 322 -3.19 5.02 0.66
CA LEU A 322 -2.45 6.26 0.32
C LEU A 322 -3.44 7.40 0.17
N VAL A 323 -4.54 7.16 -0.53
CA VAL A 323 -5.56 8.19 -0.83
C VAL A 323 -6.27 8.60 0.47
N ASP A 324 -6.61 7.64 1.33
CA ASP A 324 -7.19 7.89 2.68
C ASP A 324 -6.24 8.73 3.51
N MET A 325 -4.94 8.45 3.41
CA MET A 325 -3.91 9.15 4.22
C MET A 325 -3.80 10.58 3.71
N ALA A 326 -3.76 10.80 2.40
CA ALA A 326 -3.73 12.17 1.84
C ALA A 326 -4.95 12.93 2.38
N VAL A 327 -6.14 12.37 2.31
CA VAL A 327 -7.38 13.05 2.81
C VAL A 327 -7.27 13.30 4.31
N TYR A 328 -6.74 12.35 5.06
CA TYR A 328 -6.65 12.43 6.55
C TYR A 328 -5.69 13.54 6.98
N ILE A 329 -4.48 13.60 6.43
CA ILE A 329 -3.45 14.60 6.86
C ILE A 329 -3.70 16.01 6.25
N ALA A 330 -4.50 16.17 5.18
CA ALA A 330 -4.66 17.48 4.50
C ALA A 330 -5.01 18.57 5.53
PA NAP B . 6.34 0.41 -11.00
O1A NAP B . 7.67 0.05 -11.52
O2A NAP B . 5.09 -0.10 -11.66
O5B NAP B . 6.18 2.01 -10.89
C5B NAP B . 7.31 2.93 -10.68
C4B NAP B . 7.23 3.97 -11.75
O4B NAP B . 8.03 5.12 -11.38
C3B NAP B . 7.73 3.56 -13.15
O3B NAP B . 6.77 4.05 -14.06
C2B NAP B . 9.12 4.19 -13.19
O2B NAP B . 9.71 4.40 -14.47
C1B NAP B . 8.81 5.51 -12.48
N9A NAP B . 9.97 6.20 -11.96
C8A NAP B . 11.02 5.62 -11.30
N7A NAP B . 11.90 6.51 -10.91
C5A NAP B . 11.39 7.73 -11.31
C6A NAP B . 11.86 9.05 -11.14
N6A NAP B . 13.00 9.34 -10.51
N1A NAP B . 11.07 10.05 -11.60
C2A NAP B . 9.93 9.73 -12.23
N3A NAP B . 9.39 8.52 -12.45
C4A NAP B . 10.19 7.56 -11.95
O3 NAP B . 6.31 0.03 -9.43
PN NAP B . 5.11 0.00 -8.36
O1N NAP B . 4.07 1.03 -8.77
O2N NAP B . 4.78 -1.45 -8.19
O5D NAP B . 5.86 0.48 -7.03
C5D NAP B . 6.09 1.91 -6.82
C4D NAP B . 6.38 2.12 -5.35
O4D NAP B . 5.28 1.60 -4.54
C3D NAP B . 7.63 1.41 -4.83
O3D NAP B . 8.21 2.23 -3.82
C2D NAP B . 7.03 0.07 -4.36
O2D NAP B . 7.82 -0.65 -3.43
C1D NAP B . 5.75 0.56 -3.67
N1N NAP B . 4.70 -0.48 -3.48
C2N NAP B . 4.42 -1.48 -4.41
C3N NAP B . 3.28 -2.29 -4.26
C7N NAP B . 2.87 -3.31 -5.28
O7N NAP B . 3.06 -3.10 -6.48
N7N NAP B . 2.32 -4.43 -4.83
C4N NAP B . 2.49 -2.13 -3.11
C5N NAP B . 2.82 -1.17 -2.17
C6N NAP B . 3.98 -0.45 -2.32
P2B NAP B . 11.03 3.42 -14.67
O1X NAP B . 12.04 3.54 -13.58
O2X NAP B . 10.38 2.04 -14.72
O3X NAP B . 11.60 3.81 -16.01
C1 PEG C . 16.13 -13.76 1.20
O1 PEG C . 16.72 -13.93 -0.08
C2 PEG C . 14.67 -14.21 1.18
O2 PEG C . 14.13 -14.54 2.47
C3 PEG C . 14.35 -13.56 3.51
C4 PEG C . 14.33 -14.15 4.90
O4 PEG C . 15.52 -13.92 5.61
NA NA D . 12.37 -12.82 -10.33
NA NA E . -11.64 13.12 -7.41
#